data_4BAM
#
_entry.id   4BAM
#
_cell.length_a   69.410
_cell.length_b   71.510
_cell.length_c   72.160
_cell.angle_alpha   90.00
_cell.angle_beta   100.34
_cell.angle_gamma   90.00
#
_symmetry.space_group_name_H-M   'C 1 2 1'
#
loop_
_entity.id
_entity.type
_entity.pdbx_description
1 polymer 'THROMBIN LIGHT CHAIN'
2 polymer 'THROMBIN HEAVY CHAIN'
3 polymer 'HIRUDIN VARIANT-1'
4 non-polymer 2-acetamido-2-deoxy-beta-D-glucopyranose
5 non-polymer (2S)-N-[(4-carbamimidoylphenyl)methyl]-1-[(2R)-2-cyclohexyl-2-[[2-(dimethylamino)-2-oxidanylidene-ethyl]amino]ethanoyl]azetidine-2-carboxamide
6 non-polymer 'SODIUM ION'
7 water water
#
loop_
_entity_poly.entity_id
_entity_poly.type
_entity_poly.pdbx_seq_one_letter_code
_entity_poly.pdbx_strand_id
1 'polypeptide(L)' TFGSGEADCGLRPLFEKKSLEDKTERELLESYIDGR A
2 'polypeptide(L)'
;IVEGSDAEIGMSPWQVMLFRKSPQELLCGASLISDRWVLTAAHCLLYPPWDKNFTENDLLVRIGKHSRTRYERNIEKISM
LEKIYIHPRYNWRENLDRDIALMKLKKPVAFSDYIHPVCLPDRETAASLLQAGYKGRVTGWGNLKETWTANVGKGQPSVL
QVVNLPIVERPVCKDSTRIRITDNMFCAGYKPDEGKRGDACEGDSGGPFVMKSPFNNRWYQMGIVSWGEGCDRDGKYGFY
THVFRLKKWIQKVIDQFGE
;
B
3 'polypeptide(L)' DGDFEEIPEE(TYS)L D
#
# COMPACT_ATOMS: atom_id res chain seq x y z
N ALA A 7 7.88 -19.37 2.56
CA ALA A 7 7.04 -19.42 3.77
C ALA A 7 5.56 -19.41 3.37
N ASP A 8 4.68 -18.86 4.23
CA ASP A 8 3.26 -18.77 3.94
C ASP A 8 2.85 -17.34 3.49
N CYS A 9 3.85 -16.48 3.12
CA CYS A 9 3.51 -15.11 2.68
C CYS A 9 2.51 -15.12 1.52
N GLY A 10 1.66 -14.11 1.48
CA GLY A 10 0.76 -13.85 0.36
C GLY A 10 -0.35 -14.84 0.13
N LEU A 11 -0.59 -15.76 1.10
CA LEU A 11 -1.68 -16.71 1.04
C LEU A 11 -2.64 -16.32 2.13
N ARG A 12 -3.82 -15.89 1.75
CA ARG A 12 -4.79 -15.35 2.70
C ARG A 12 -5.57 -16.45 3.38
N PRO A 13 -5.65 -16.38 4.74
CA PRO A 13 -6.41 -17.41 5.50
C PRO A 13 -7.88 -17.55 5.07
N LEU A 14 -8.52 -16.45 4.64
CA LEU A 14 -9.93 -16.49 4.26
C LEU A 14 -10.19 -16.73 2.79
N PHE A 15 -9.10 -16.80 1.99
CA PHE A 15 -9.21 -16.96 0.57
C PHE A 15 -8.39 -18.15 0.07
N GLU A 16 -7.10 -17.95 -0.30
CA GLU A 16 -6.23 -19.02 -0.80
C GLU A 16 -6.16 -20.24 0.10
N LYS A 17 -6.03 -20.02 1.43
CA LYS A 17 -5.94 -21.14 2.38
C LYS A 17 -7.17 -22.02 2.44
N LYS A 18 -8.33 -21.50 2.00
CA LYS A 18 -9.62 -22.19 1.96
C LYS A 18 -10.04 -22.52 0.54
N SER A 19 -9.22 -22.15 -0.47
CA SER A 19 -9.54 -22.24 -1.89
C SER A 19 -10.83 -21.45 -2.24
N LEU A 20 -10.95 -20.24 -1.66
CA LEU A 20 -12.05 -19.33 -1.96
C LEU A 20 -11.49 -18.15 -2.73
N GLU A 21 -12.19 -17.69 -3.74
CA GLU A 21 -11.73 -16.54 -4.50
C GLU A 21 -12.49 -15.30 -4.07
N ASP A 22 -11.80 -14.14 -4.05
CA ASP A 22 -12.51 -12.89 -3.79
C ASP A 22 -13.24 -12.48 -5.09
N LYS A 23 -14.13 -11.49 -5.01
CA LYS A 23 -14.98 -11.07 -6.13
C LYS A 23 -14.31 -10.49 -7.36
N THR A 24 -13.07 -9.95 -7.26
CA THR A 24 -12.43 -9.32 -8.42
C THR A 24 -11.07 -9.90 -8.78
N GLU A 25 -10.56 -10.90 -8.05
CA GLU A 25 -9.22 -11.41 -8.39
C GLU A 25 -9.12 -12.00 -9.79
N ARG A 26 -10.25 -12.51 -10.37
CA ARG A 26 -10.25 -13.03 -11.73
C ARG A 26 -9.90 -11.93 -12.74
N GLU A 27 -10.33 -10.67 -12.47
CA GLU A 27 -10.00 -9.49 -13.33
C GLU A 27 -8.47 -9.32 -13.44
N LEU A 28 -7.75 -9.53 -12.32
CA LEU A 28 -6.29 -9.46 -12.36
C LEU A 28 -5.75 -10.60 -13.18
N LEU A 29 -6.17 -11.85 -12.89
CA LEU A 29 -5.73 -13.03 -13.64
C LEU A 29 -5.95 -12.85 -15.15
N GLU A 30 -7.15 -12.36 -15.54
CA GLU A 30 -7.48 -12.15 -16.97
C GLU A 30 -6.59 -11.12 -17.67
N SER A 31 -6.01 -10.18 -16.91
CA SER A 31 -5.10 -9.17 -17.45
C SER A 31 -3.68 -9.72 -17.66
N TYR A 32 -3.36 -10.89 -17.08
CA TYR A 32 -1.99 -11.45 -17.18
C TYR A 32 -1.97 -12.32 -18.45
N ILE A 33 -1.99 -11.65 -19.59
CA ILE A 33 -2.14 -12.26 -20.93
C ILE A 33 -0.86 -12.89 -21.47
N ASP A 34 2.61 -10.77 -22.27
N ILE B 1 -9.13 6.20 -1.72
CA ILE B 1 -9.40 5.52 -2.97
C ILE B 1 -10.61 6.12 -3.63
N VAL B 2 -10.46 6.55 -4.87
CA VAL B 2 -11.54 7.16 -5.65
C VAL B 2 -12.06 6.09 -6.60
N GLU B 3 -13.40 5.94 -6.71
CA GLU B 3 -14.03 5.01 -7.68
C GLU B 3 -13.66 3.53 -7.47
N GLY B 4 -13.45 3.17 -6.21
CA GLY B 4 -13.19 1.79 -5.82
C GLY B 4 -14.44 1.17 -5.22
N SER B 5 -14.26 0.12 -4.43
CA SER B 5 -15.38 -0.58 -3.77
C SER B 5 -14.95 -0.93 -2.36
N ASP B 6 -15.90 -1.31 -1.50
CA ASP B 6 -15.56 -1.78 -0.14
C ASP B 6 -14.81 -3.09 -0.27
N ALA B 7 -13.78 -3.26 0.55
CA ALA B 7 -13.03 -4.52 0.61
C ALA B 7 -13.91 -5.60 1.21
N GLU B 8 -13.63 -6.86 0.88
CA GLU B 8 -14.29 -8.01 1.53
C GLU B 8 -13.52 -8.25 2.80
N ILE B 9 -14.11 -8.91 3.79
CA ILE B 9 -13.42 -9.25 5.04
C ILE B 9 -12.24 -10.19 4.73
N GLY B 10 -11.07 -9.89 5.27
CA GLY B 10 -9.85 -10.69 5.09
C GLY B 10 -9.24 -10.61 3.69
N MET B 11 -9.72 -9.67 2.86
CA MET B 11 -9.24 -9.51 1.47
C MET B 11 -7.80 -9.03 1.35
N SER B 12 -7.37 -8.19 2.29
CA SER B 12 -6.03 -7.59 2.27
C SER B 12 -5.46 -7.70 3.69
N PRO B 13 -5.12 -8.92 4.16
CA PRO B 13 -4.72 -9.08 5.58
C PRO B 13 -3.36 -8.50 5.96
N TRP B 14 -2.59 -8.04 4.97
CA TRP B 14 -1.31 -7.37 5.15
C TRP B 14 -1.54 -5.85 5.26
N GLN B 15 -2.78 -5.39 5.12
CA GLN B 15 -3.09 -3.95 5.19
C GLN B 15 -2.80 -3.41 6.56
N VAL B 16 -2.02 -2.33 6.62
CA VAL B 16 -1.68 -1.69 7.89
C VAL B 16 -2.19 -0.24 7.87
N MET B 17 -2.69 0.23 9.02
CA MET B 17 -3.08 1.63 9.17
C MET B 17 -1.99 2.31 10.04
N LEU B 18 -1.42 3.41 9.54
CA LEU B 18 -0.47 4.19 10.36
C LEU B 18 -1.34 5.22 11.01
N PHE B 19 -1.33 5.23 12.33
CA PHE B 19 -2.25 6.06 13.11
C PHE B 19 -1.51 7.02 14.03
N ARG B 20 -1.83 8.32 13.90
CA ARG B 20 -1.24 9.41 14.69
C ARG B 20 -1.93 9.39 16.06
N LYS B 21 -1.12 9.41 17.15
CA LYS B 21 -1.64 9.40 18.53
C LYS B 21 -2.37 10.70 18.90
N SER B 22 -1.81 11.87 18.51
CA SER B 22 -2.37 13.18 18.84
C SER B 22 -2.13 14.24 17.74
N PRO B 23 -3.20 14.75 17.07
CA PRO B 23 -4.62 14.36 17.18
C PRO B 23 -4.79 12.92 16.66
N GLN B 24 -5.83 12.21 17.15
CA GLN B 24 -6.11 10.83 16.75
C GLN B 24 -6.62 10.84 15.33
N GLU B 25 -5.75 10.45 14.38
CA GLU B 25 -6.12 10.47 12.98
C GLU B 25 -5.32 9.49 12.13
N LEU B 26 -5.81 9.29 10.89
CA LEU B 26 -5.18 8.44 9.89
C LEU B 26 -3.98 9.20 9.36
N LEU B 27 -2.82 8.56 9.47
CA LEU B 27 -1.57 9.11 8.99
C LEU B 27 -1.30 8.60 7.58
N CYS B 28 -1.49 7.27 7.32
CA CYS B 28 -1.12 6.66 6.05
C CYS B 28 -1.53 5.20 6.02
N GLY B 29 -1.39 4.58 4.85
CA GLY B 29 -1.48 3.13 4.74
C GLY B 29 -0.05 2.61 4.89
N ALA B 30 0.06 1.28 4.97
CA ALA B 30 1.31 0.55 5.10
C ALA B 30 0.99 -0.93 4.87
N SER B 31 2.01 -1.78 4.92
CA SER B 31 1.79 -3.20 4.71
C SER B 31 2.62 -4.07 5.64
N LEU B 32 2.10 -5.26 5.94
CA LEU B 32 2.82 -6.18 6.84
C LEU B 32 3.67 -7.12 6.00
N ILE B 33 5.01 -7.10 6.17
CA ILE B 33 5.93 -7.95 5.41
C ILE B 33 6.51 -9.16 6.18
N SER B 34 6.38 -9.17 7.50
CA SER B 34 6.79 -10.26 8.40
C SER B 34 6.09 -10.01 9.73
N ASP B 35 6.36 -10.82 10.78
CA ASP B 35 5.71 -10.58 12.06
C ASP B 35 6.25 -9.33 12.77
N ARG B 36 7.39 -8.78 12.30
CA ARG B 36 8.02 -7.61 12.93
C ARG B 36 8.32 -6.42 12.04
N TRP B 37 8.10 -6.55 10.72
CA TRP B 37 8.40 -5.47 9.79
C TRP B 37 7.20 -4.98 9.01
N VAL B 38 7.10 -3.66 8.92
CA VAL B 38 6.03 -2.95 8.22
C VAL B 38 6.67 -2.02 7.15
N LEU B 39 6.13 -2.07 5.92
CA LEU B 39 6.62 -1.30 4.79
C LEU B 39 5.67 -0.14 4.51
N THR B 40 6.22 1.05 4.24
CA THR B 40 5.40 2.22 3.93
C THR B 40 6.17 3.16 2.98
N ALA B 41 5.58 4.32 2.70
CA ALA B 41 6.19 5.35 1.84
C ALA B 41 6.97 6.28 2.75
N ALA B 42 8.17 6.69 2.36
CA ALA B 42 8.96 7.61 3.17
C ALA B 42 8.21 8.93 3.43
N HIS B 43 7.40 9.42 2.46
CA HIS B 43 6.68 10.70 2.62
C HIS B 43 5.64 10.63 3.71
N CYS B 44 5.25 9.41 4.15
CA CYS B 44 4.32 9.27 5.28
C CYS B 44 5.01 9.72 6.56
N LEU B 45 6.35 9.59 6.62
CA LEU B 45 7.10 9.88 7.84
C LEU B 45 7.93 11.17 7.72
N LEU B 46 8.47 11.44 6.54
CA LEU B 46 9.31 12.61 6.29
C LEU B 46 8.87 13.34 5.06
N TYR B 47 8.35 14.56 5.26
CA TYR B 47 7.95 15.42 4.17
C TYR B 47 8.09 16.91 4.58
N PRO B 48 9.36 17.42 4.55
CA PRO B 48 9.63 18.85 4.87
C PRO B 48 8.72 19.91 4.24
N PRO B 49 8.28 19.85 2.96
CA PRO B 49 7.35 20.87 2.47
C PRO B 49 6.11 21.09 3.33
N TRP B 50 5.63 20.05 4.03
CA TRP B 50 4.42 20.13 4.86
C TRP B 50 4.75 20.02 6.35
N ASP B 51 6.04 20.22 6.73
CA ASP B 51 6.55 20.11 8.11
C ASP B 51 6.23 18.75 8.76
N LYS B 52 6.26 17.69 7.95
CA LYS B 52 6.00 16.34 8.43
C LYS B 52 7.35 15.70 8.74
N ASN B 53 7.55 15.28 10.01
CA ASN B 53 8.77 14.60 10.45
C ASN B 53 8.40 13.78 11.66
N PHE B 54 7.72 12.64 11.45
CA PHE B 54 7.32 11.81 12.58
C PHE B 54 8.46 10.97 13.14
N THR B 55 8.40 10.74 14.46
CA THR B 55 9.35 9.87 15.16
C THR B 55 8.55 8.64 15.61
N GLU B 56 9.23 7.60 16.09
CA GLU B 56 8.63 6.33 16.54
C GLU B 56 7.45 6.51 17.50
N ASN B 57 7.63 7.35 18.54
CA ASN B 57 6.59 7.57 19.55
C ASN B 57 5.39 8.37 19.09
N ASP B 58 5.44 9.00 17.90
CA ASP B 58 4.31 9.79 17.39
C ASP B 58 3.16 8.94 16.87
N LEU B 59 3.44 7.69 16.50
CA LEU B 59 2.40 6.89 15.89
C LEU B 59 2.29 5.45 16.38
N LEU B 60 1.21 4.80 15.93
CA LEU B 60 0.91 3.41 16.20
C LEU B 60 0.58 2.72 14.88
N VAL B 61 0.84 1.40 14.79
CA VAL B 61 0.41 0.64 13.62
C VAL B 61 -0.79 -0.21 14.02
N ARG B 62 -1.88 -0.15 13.24
CA ARG B 62 -3.10 -0.89 13.53
C ARG B 62 -3.26 -1.91 12.39
N ILE B 63 -3.20 -3.21 12.75
CA ILE B 63 -3.20 -4.32 11.80
C ILE B 63 -4.46 -5.16 11.96
N GLY B 64 -4.97 -5.70 10.84
CA GLY B 64 -6.17 -6.52 10.81
C GLY B 64 -7.44 -5.71 10.71
N LYS B 65 -7.34 -4.43 10.33
CA LYS B 65 -8.48 -3.53 10.28
C LYS B 65 -9.30 -3.63 9.00
N HIS B 66 -10.58 -3.21 9.10
CA HIS B 66 -11.52 -3.12 8.00
C HIS B 66 -12.22 -1.77 8.12
N SER B 67 -12.88 -1.54 9.26
CA SER B 67 -13.49 -0.25 9.53
C SER B 67 -12.37 0.79 9.68
N ARG B 68 -12.56 1.98 9.12
CA ARG B 68 -11.61 3.09 9.23
C ARG B 68 -11.55 3.61 10.67
N THR B 69 -12.71 4.04 11.22
CA THR B 69 -12.78 4.69 12.55
C THR B 69 -12.98 3.84 13.80
N ARG B 70 -13.64 2.68 13.69
CA ARG B 70 -13.96 1.90 14.88
C ARG B 70 -12.79 1.17 15.44
N TYR B 71 -12.78 0.97 16.78
CA TYR B 71 -11.80 0.12 17.44
C TYR B 71 -12.36 -1.32 17.30
N GLU B 72 -11.70 -2.12 16.46
CA GLU B 72 -12.13 -3.50 16.13
C GLU B 72 -11.62 -4.51 17.13
N ARG B 73 -12.32 -4.51 18.29
CA ARG B 73 -12.06 -5.34 19.45
C ARG B 73 -12.05 -6.80 19.00
N ASN B 74 -11.00 -7.55 19.38
CA ASN B 74 -10.74 -8.97 19.13
C ASN B 74 -10.34 -9.29 17.67
N ILE B 75 -10.12 -8.25 16.87
CA ILE B 75 -9.80 -8.43 15.45
C ILE B 75 -8.51 -7.68 15.15
N GLU B 76 -8.54 -6.34 15.30
CA GLU B 76 -7.32 -5.56 15.07
C GLU B 76 -6.36 -5.70 16.21
N LYS B 77 -5.06 -5.59 15.90
CA LYS B 77 -3.95 -5.60 16.84
C LYS B 77 -3.19 -4.29 16.66
N ILE B 78 -2.88 -3.63 17.79
CA ILE B 78 -2.18 -2.33 17.79
C ILE B 78 -0.76 -2.53 18.26
N SER B 79 0.21 -2.09 17.45
CA SER B 79 1.62 -2.25 17.75
C SER B 79 2.34 -0.91 17.82
N MET B 80 3.43 -0.89 18.59
CA MET B 80 4.27 0.27 18.77
C MET B 80 5.50 0.11 17.93
N LEU B 81 6.06 1.23 17.51
CA LEU B 81 7.27 1.19 16.72
C LEU B 81 8.51 1.22 17.57
N GLU B 82 9.44 0.34 17.25
CA GLU B 82 10.76 0.27 17.86
C GLU B 82 11.65 1.25 17.09
N LYS B 83 11.69 1.14 15.74
CA LYS B 83 12.54 2.02 14.93
C LYS B 83 12.00 2.20 13.50
N ILE B 84 12.17 3.42 12.95
CA ILE B 84 11.83 3.81 11.58
C ILE B 84 13.14 3.84 10.78
N TYR B 85 13.09 3.41 9.50
CA TYR B 85 14.26 3.44 8.60
C TYR B 85 13.77 4.01 7.29
N ILE B 86 14.24 5.22 6.94
CA ILE B 86 13.85 5.87 5.67
C ILE B 86 14.99 5.65 4.65
N HIS B 87 14.68 5.36 3.36
CA HIS B 87 15.75 5.16 2.36
C HIS B 87 16.73 6.38 2.40
N PRO B 88 18.07 6.18 2.48
CA PRO B 88 18.98 7.35 2.55
C PRO B 88 18.99 8.23 1.30
N ARG B 89 18.49 7.72 0.16
CA ARG B 89 18.43 8.51 -1.07
C ARG B 89 17.01 8.91 -1.47
N TYR B 90 16.06 8.87 -0.49
CA TYR B 90 14.68 9.34 -0.70
C TYR B 90 14.73 10.83 -1.11
N ASN B 91 14.14 11.17 -2.26
CA ASN B 91 14.12 12.53 -2.84
C ASN B 91 12.81 13.24 -2.60
N TRP B 92 12.64 13.85 -1.42
CA TRP B 92 11.39 14.59 -1.12
C TRP B 92 11.38 15.97 -1.80
N ARG B 93 12.53 16.44 -2.32
CA ARG B 93 12.58 17.79 -2.93
C ARG B 93 11.90 17.92 -4.27
N GLU B 94 11.93 16.85 -5.08
CA GLU B 94 11.48 16.93 -6.45
C GLU B 94 10.32 16.03 -6.84
N ASN B 95 10.56 14.71 -6.82
CA ASN B 95 9.60 13.75 -7.38
C ASN B 95 9.35 12.53 -6.52
N LEU B 96 9.77 12.56 -5.25
CA LEU B 96 9.59 11.44 -4.32
C LEU B 96 10.30 10.16 -4.82
N ASP B 97 11.47 10.34 -5.46
CA ASP B 97 12.24 9.21 -5.91
C ASP B 97 12.69 8.42 -4.66
N ARG B 98 12.57 7.08 -4.72
CA ARG B 98 12.88 6.12 -3.66
C ARG B 98 12.01 6.40 -2.43
N ASP B 99 10.70 6.53 -2.65
CA ASP B 99 9.71 6.83 -1.60
C ASP B 99 9.38 5.56 -0.84
N ILE B 100 10.27 5.19 0.09
CA ILE B 100 10.17 3.93 0.82
C ILE B 100 10.71 4.05 2.21
N ALA B 101 10.06 3.37 3.16
CA ALA B 101 10.51 3.33 4.53
C ALA B 101 10.10 2.02 5.17
N LEU B 102 10.90 1.56 6.13
CA LEU B 102 10.62 0.39 6.95
C LEU B 102 10.43 0.81 8.41
N MET B 103 9.56 0.07 9.10
CA MET B 103 9.26 0.29 10.52
C MET B 103 9.36 -1.06 11.21
N LYS B 104 10.23 -1.16 12.22
CA LYS B 104 10.37 -2.38 13.00
C LYS B 104 9.42 -2.26 14.19
N LEU B 105 8.66 -3.34 14.44
CA LEU B 105 7.72 -3.35 15.55
C LEU B 105 8.42 -3.71 16.83
N LYS B 106 7.95 -3.16 17.94
CA LYS B 106 8.54 -3.46 19.26
C LYS B 106 8.40 -4.93 19.62
N LYS B 107 7.26 -5.54 19.28
CA LYS B 107 6.97 -6.95 19.55
C LYS B 107 6.38 -7.59 18.29
N PRO B 108 6.59 -8.91 18.05
CA PRO B 108 5.98 -9.53 16.87
C PRO B 108 4.47 -9.56 16.95
N VAL B 109 3.82 -9.38 15.81
CA VAL B 109 2.36 -9.44 15.72
C VAL B 109 1.96 -10.90 15.50
N ALA B 110 0.84 -11.31 16.11
CA ALA B 110 0.35 -12.66 15.91
C ALA B 110 -0.53 -12.69 14.66
N PHE B 111 -0.29 -13.69 13.80
CA PHE B 111 -1.10 -13.82 12.58
C PHE B 111 -2.45 -14.40 12.92
N SER B 112 -3.43 -14.08 12.09
CA SER B 112 -4.82 -14.52 12.32
C SER B 112 -5.50 -14.57 10.97
N ASP B 113 -6.83 -14.75 10.95
CA ASP B 113 -7.58 -14.74 9.69
C ASP B 113 -7.52 -13.37 9.02
N TYR B 114 -7.32 -12.31 9.82
CA TYR B 114 -7.34 -10.91 9.39
C TYR B 114 -5.95 -10.26 9.25
N ILE B 115 -4.90 -10.95 9.75
CA ILE B 115 -3.51 -10.47 9.82
C ILE B 115 -2.58 -11.51 9.23
N HIS B 116 -1.90 -11.13 8.14
CA HIS B 116 -1.05 -12.09 7.44
C HIS B 116 -0.08 -11.34 6.53
N PRO B 117 1.19 -11.70 6.43
CA PRO B 117 2.08 -10.90 5.59
C PRO B 117 1.94 -11.15 4.08
N VAL B 118 2.24 -10.10 3.30
CA VAL B 118 2.27 -10.18 1.83
C VAL B 118 3.72 -10.59 1.45
N CYS B 119 3.92 -11.17 0.25
CA CYS B 119 5.28 -11.47 -0.21
C CYS B 119 5.91 -10.25 -0.85
N LEU B 120 7.25 -10.26 -0.87
CA LEU B 120 8.02 -9.27 -1.63
C LEU B 120 8.54 -9.95 -2.88
N PRO B 121 8.50 -9.29 -4.05
CA PRO B 121 8.91 -9.97 -5.28
C PRO B 121 10.42 -10.18 -5.42
N ASP B 122 10.80 -11.24 -6.14
CA ASP B 122 12.19 -11.46 -6.53
C ASP B 122 12.29 -10.95 -7.96
N ARG B 123 13.48 -11.00 -8.58
CA ARG B 123 13.68 -10.50 -9.95
C ARG B 123 12.72 -11.08 -10.97
N GLU B 124 12.50 -12.40 -10.90
CA GLU B 124 11.65 -13.12 -11.84
C GLU B 124 10.17 -12.73 -11.72
N THR B 125 9.66 -12.58 -10.47
CA THR B 125 8.27 -12.17 -10.18
C THR B 125 8.03 -10.82 -10.83
N ALA B 126 8.94 -9.86 -10.58
CA ALA B 126 8.89 -8.51 -11.12
C ALA B 126 8.92 -8.49 -12.63
N ALA B 127 9.82 -9.27 -13.25
CA ALA B 127 9.93 -9.29 -14.72
C ALA B 127 8.66 -9.86 -15.38
N SER B 128 8.09 -10.90 -14.78
CA SER B 128 6.88 -11.54 -15.31
C SER B 128 5.59 -10.76 -15.11
N LEU B 129 5.45 -10.04 -13.98
CA LEU B 129 4.22 -9.32 -13.65
C LEU B 129 4.18 -7.82 -13.97
N LEU B 130 5.33 -7.13 -13.91
CA LEU B 130 5.35 -5.68 -14.14
C LEU B 130 5.38 -5.32 -15.60
N GLN B 131 4.24 -5.53 -16.23
CA GLN B 131 4.05 -5.33 -17.65
C GLN B 131 2.86 -4.45 -17.88
N ALA B 132 2.97 -3.53 -18.84
CA ALA B 132 1.87 -2.66 -19.24
C ALA B 132 0.59 -3.48 -19.57
N GLY B 133 -0.54 -3.09 -18.98
CA GLY B 133 -1.80 -3.80 -19.15
C GLY B 133 -2.16 -4.76 -18.02
N TYR B 134 -1.13 -5.32 -17.35
CA TYR B 134 -1.30 -6.24 -16.22
C TYR B 134 -1.84 -5.45 -15.07
N LYS B 135 -2.89 -5.97 -14.41
CA LYS B 135 -3.50 -5.23 -13.32
C LYS B 135 -2.98 -5.60 -11.94
N GLY B 136 -2.93 -4.58 -11.11
CA GLY B 136 -2.61 -4.70 -9.69
C GLY B 136 -3.79 -4.20 -8.89
N ARG B 137 -3.68 -4.28 -7.56
CA ARG B 137 -4.74 -3.91 -6.65
C ARG B 137 -4.23 -2.95 -5.60
N VAL B 138 -4.93 -1.83 -5.43
CA VAL B 138 -4.55 -0.82 -4.44
C VAL B 138 -5.65 -0.74 -3.37
N THR B 139 -5.25 -0.68 -2.09
CA THR B 139 -6.17 -0.59 -0.98
C THR B 139 -5.83 0.59 -0.04
N GLY B 140 -6.84 1.13 0.64
CA GLY B 140 -6.61 2.18 1.61
C GLY B 140 -7.85 2.82 2.19
N TRP B 141 -7.66 3.66 3.23
CA TRP B 141 -8.76 4.35 3.90
C TRP B 141 -8.73 5.84 3.59
N GLY B 142 -8.08 6.20 2.49
CA GLY B 142 -7.95 7.58 2.08
C GLY B 142 -9.19 8.14 1.43
N ASN B 143 -9.08 9.40 0.98
CA ASN B 143 -10.18 10.15 0.35
C ASN B 143 -10.90 9.38 -0.74
N LEU B 144 -12.25 9.52 -0.76
CA LEU B 144 -13.11 8.95 -1.78
C LEU B 144 -13.16 9.86 -3.00
N LYS B 145 -12.74 11.11 -2.83
CA LYS B 145 -12.75 12.12 -3.89
C LYS B 145 -11.56 13.03 -3.68
N GLU B 146 -11.06 13.63 -4.75
CA GLU B 146 -9.92 14.57 -4.67
C GLU B 146 -10.29 15.76 -3.75
N THR B 147 -11.45 16.37 -4.02
CA THR B 147 -12.02 17.47 -3.24
C THR B 147 -13.06 16.92 -2.23
N TRP B 148 -14.22 16.68 -2.62
N GLY B 155 -16.18 12.08 0.63
CA GLY B 155 -15.52 12.28 1.92
C GLY B 155 -14.57 11.17 2.29
N GLN B 156 -14.77 10.60 3.48
CA GLN B 156 -13.93 9.51 4.00
C GLN B 156 -14.74 8.20 4.00
N PRO B 157 -14.13 7.03 3.68
CA PRO B 157 -14.92 5.79 3.67
C PRO B 157 -15.22 5.24 5.06
N SER B 158 -16.30 4.42 5.19
CA SER B 158 -16.55 3.76 6.47
C SER B 158 -15.64 2.55 6.61
N VAL B 159 -15.33 1.85 5.49
CA VAL B 159 -14.46 0.67 5.53
C VAL B 159 -13.34 0.74 4.47
N LEU B 160 -12.35 -0.15 4.60
CA LEU B 160 -11.23 -0.27 3.64
C LEU B 160 -11.77 -0.30 2.19
N GLN B 161 -11.13 0.46 1.29
CA GLN B 161 -11.52 0.53 -0.10
C GLN B 161 -10.52 -0.21 -0.96
N VAL B 162 -10.99 -0.76 -2.09
CA VAL B 162 -10.16 -1.52 -3.03
C VAL B 162 -10.42 -1.06 -4.47
N VAL B 163 -9.36 -1.02 -5.28
CA VAL B 163 -9.47 -0.74 -6.70
C VAL B 163 -8.41 -1.53 -7.45
N ASN B 164 -8.80 -2.14 -8.58
CA ASN B 164 -7.88 -2.86 -9.46
C ASN B 164 -7.56 -1.95 -10.62
N LEU B 165 -6.24 -1.80 -10.93
CA LEU B 165 -5.78 -0.86 -11.95
C LEU B 165 -4.66 -1.43 -12.80
N PRO B 166 -4.70 -1.14 -14.14
CA PRO B 166 -3.64 -1.64 -15.02
C PRO B 166 -2.36 -0.82 -14.96
N ILE B 167 -1.21 -1.50 -15.04
CA ILE B 167 0.09 -0.81 -15.12
C ILE B 167 0.09 -0.14 -16.50
N VAL B 168 0.63 1.09 -16.57
CA VAL B 168 0.66 1.89 -17.79
C VAL B 168 2.08 1.94 -18.36
N GLU B 169 2.21 1.99 -19.72
CA GLU B 169 3.46 2.08 -20.46
C GLU B 169 4.29 3.26 -19.95
N ARG B 170 5.62 3.09 -19.78
CA ARG B 170 6.50 4.15 -19.29
C ARG B 170 6.37 5.46 -20.12
N PRO B 171 6.31 5.43 -21.48
CA PRO B 171 6.13 6.70 -22.23
C PRO B 171 4.82 7.41 -21.92
N VAL B 172 3.71 6.66 -21.71
CA VAL B 172 2.42 7.24 -21.40
C VAL B 172 2.48 7.89 -19.99
N CYS B 173 3.13 7.21 -18.99
CA CYS B 173 3.33 7.80 -17.66
C CYS B 173 4.09 9.14 -17.79
N LYS B 174 5.21 9.12 -18.51
CA LYS B 174 6.10 10.27 -18.73
C LYS B 174 5.35 11.43 -19.39
N ASP B 175 4.54 11.12 -20.43
CA ASP B 175 3.79 12.12 -21.19
C ASP B 175 2.58 12.71 -20.49
N SER B 176 2.18 12.14 -19.34
CA SER B 176 1.02 12.61 -18.60
C SER B 176 1.38 13.74 -17.64
N THR B 177 2.67 13.93 -17.38
CA THR B 177 3.09 14.87 -16.33
C THR B 177 4.29 15.71 -16.72
N ARG B 178 4.51 16.83 -16.02
CA ARG B 178 5.71 17.66 -16.20
C ARG B 178 6.78 17.20 -15.22
N ILE B 179 6.41 16.31 -14.28
CA ILE B 179 7.35 15.80 -13.26
C ILE B 179 8.28 14.76 -13.88
N ARG B 180 9.56 14.79 -13.53
CA ARG B 180 10.52 13.81 -14.04
C ARG B 180 10.29 12.44 -13.34
N ILE B 181 10.12 11.39 -14.16
CA ILE B 181 9.88 10.02 -13.68
C ILE B 181 11.17 9.24 -13.65
N THR B 182 11.36 8.39 -12.63
CA THR B 182 12.59 7.62 -12.55
C THR B 182 12.30 6.13 -12.69
N ASP B 183 13.36 5.31 -12.73
CA ASP B 183 13.20 3.86 -12.80
C ASP B 183 12.69 3.25 -11.49
N ASN B 184 12.64 4.05 -10.41
CA ASN B 184 12.21 3.58 -9.06
C ASN B 184 10.70 3.77 -8.84
N MET B 185 9.99 4.08 -9.91
CA MET B 185 8.55 4.30 -9.85
C MET B 185 7.90 3.75 -11.11
N PHE B 186 6.59 3.45 -11.03
CA PHE B 186 5.80 3.05 -12.17
C PHE B 186 4.44 3.72 -12.01
N CYS B 187 3.69 3.84 -13.10
CA CYS B 187 2.36 4.42 -12.98
C CYS B 187 1.28 3.44 -13.39
N ALA B 188 0.08 3.61 -12.82
CA ALA B 188 -1.04 2.71 -13.10
C ALA B 188 -2.36 3.50 -13.14
N GLY B 189 -3.33 2.98 -13.87
CA GLY B 189 -4.64 3.56 -14.00
C GLY B 189 -5.18 3.43 -15.40
N TYR B 190 -6.47 3.69 -15.55
CA TYR B 190 -7.12 3.62 -16.86
C TYR B 190 -6.91 4.91 -17.66
N LYS B 191 -6.88 4.78 -18.98
CA LYS B 191 -6.77 5.89 -19.92
C LYS B 191 -8.21 6.46 -20.12
N PRO B 192 -8.39 7.73 -20.58
CA PRO B 192 -9.77 8.24 -20.78
C PRO B 192 -10.61 7.41 -21.77
N ASP B 193 -9.96 6.78 -22.77
CA ASP B 193 -10.61 5.91 -23.77
C ASP B 193 -11.07 4.56 -23.21
N GLU B 194 -10.49 4.12 -22.07
CA GLU B 194 -10.84 2.83 -21.43
C GLU B 194 -12.20 2.80 -20.72
N GLY B 195 -12.78 3.98 -20.43
CA GLY B 195 -14.08 4.08 -19.77
C GLY B 195 -14.06 3.95 -18.26
N LYS B 196 -13.47 2.83 -17.77
CA LYS B 196 -13.31 2.49 -16.35
C LYS B 196 -12.43 3.54 -15.67
N ARG B 197 -12.63 3.73 -14.35
CA ARG B 197 -11.94 4.76 -13.52
C ARG B 197 -11.27 4.12 -12.29
N GLY B 198 -10.73 4.97 -11.44
CA GLY B 198 -10.13 4.54 -10.18
C GLY B 198 -8.73 5.08 -9.98
N ASP B 199 -8.38 5.34 -8.71
CA ASP B 199 -7.06 5.86 -8.32
C ASP B 199 -6.96 5.83 -6.82
N ALA B 200 -5.70 5.93 -6.34
CA ALA B 200 -5.42 6.11 -4.94
C ALA B 200 -5.52 7.65 -4.74
N CYS B 201 -5.56 8.11 -3.51
CA CYS B 201 -5.69 9.54 -3.26
C CYS B 201 -5.01 9.84 -1.95
N GLU B 202 -5.15 11.09 -1.45
CA GLU B 202 -4.65 11.50 -0.13
C GLU B 202 -5.16 10.51 0.94
N GLY B 203 -4.27 10.09 1.83
CA GLY B 203 -4.57 9.14 2.90
C GLY B 203 -4.29 7.69 2.51
N ASP B 204 -4.13 7.38 1.20
CA ASP B 204 -3.80 6.03 0.70
C ASP B 204 -2.30 5.82 0.63
N SER B 205 -1.56 6.93 0.74
CA SER B 205 -0.09 6.94 0.76
C SER B 205 0.45 5.83 1.64
N GLY B 206 1.50 5.13 1.15
CA GLY B 206 2.18 4.11 1.94
C GLY B 206 1.55 2.75 1.82
N GLY B 207 0.34 2.70 1.30
CA GLY B 207 -0.40 1.46 1.11
C GLY B 207 0.17 0.62 -0.02
N PRO B 208 -0.24 -0.65 -0.09
CA PRO B 208 0.32 -1.54 -1.12
C PRO B 208 -0.39 -1.57 -2.47
N PHE B 209 0.41 -1.75 -3.55
CA PHE B 209 -0.07 -2.07 -4.91
C PHE B 209 0.32 -3.57 -5.05
N VAL B 210 -0.66 -4.48 -5.04
CA VAL B 210 -0.39 -5.93 -5.06
C VAL B 210 -0.84 -6.60 -6.34
N MET B 211 -0.22 -7.75 -6.64
CA MET B 211 -0.57 -8.57 -7.79
C MET B 211 -0.56 -10.02 -7.33
N LYS B 212 -1.48 -10.84 -7.89
CA LYS B 212 -1.52 -12.26 -7.52
C LYS B 212 -0.80 -13.06 -8.57
N SER B 213 0.34 -13.67 -8.19
CA SER B 213 1.09 -14.44 -9.17
C SER B 213 0.26 -15.63 -9.71
N PRO B 214 0.11 -15.73 -11.05
CA PRO B 214 -0.61 -16.89 -11.63
C PRO B 214 0.25 -18.17 -11.61
N PHE B 215 1.53 -18.04 -11.24
CA PHE B 215 2.50 -19.12 -11.18
C PHE B 215 2.42 -19.89 -9.89
N ASN B 216 2.36 -19.18 -8.74
CA ASN B 216 2.33 -19.84 -7.43
C ASN B 216 1.12 -19.44 -6.54
N ASN B 217 0.20 -18.64 -7.10
CA ASN B 217 -1.03 -18.18 -6.48
C ASN B 217 -0.88 -17.36 -5.19
N ARG B 218 0.29 -16.70 -5.06
CA ARG B 218 0.59 -15.86 -3.90
C ARG B 218 0.51 -14.40 -4.28
N TRP B 219 0.16 -13.56 -3.33
CA TRP B 219 0.09 -12.12 -3.54
C TRP B 219 1.42 -11.50 -3.26
N TYR B 220 1.87 -10.65 -4.19
CA TYR B 220 3.14 -9.95 -4.10
C TYR B 220 2.92 -8.44 -4.08
N GLN B 221 3.66 -7.73 -3.21
CA GLN B 221 3.57 -6.27 -3.21
C GLN B 221 4.55 -5.72 -4.23
N MET B 222 4.03 -5.22 -5.35
CA MET B 222 4.88 -4.70 -6.42
C MET B 222 5.13 -3.19 -6.23
N GLY B 223 4.18 -2.50 -5.63
CA GLY B 223 4.27 -1.05 -5.46
C GLY B 223 3.84 -0.51 -4.12
N ILE B 224 4.18 0.76 -3.87
CA ILE B 224 3.74 1.49 -2.67
C ILE B 224 3.05 2.75 -3.17
N VAL B 225 1.84 3.08 -2.66
CA VAL B 225 1.17 4.32 -3.06
C VAL B 225 2.09 5.51 -2.78
N SER B 226 2.50 6.26 -3.81
CA SER B 226 3.48 7.33 -3.60
C SER B 226 2.93 8.71 -3.90
N TRP B 227 2.61 8.98 -5.17
CA TRP B 227 2.15 10.33 -5.53
C TRP B 227 1.27 10.38 -6.74
N GLY B 228 0.74 11.58 -6.99
CA GLY B 228 -0.08 11.86 -8.15
C GLY B 228 -0.26 13.37 -8.23
N GLU B 229 -1.11 13.80 -9.14
CA GLU B 229 -1.42 15.22 -9.27
C GLU B 229 -2.94 15.27 -9.29
N GLY B 230 -3.49 15.48 -8.11
CA GLY B 230 -4.92 15.36 -7.88
C GLY B 230 -5.22 13.87 -7.78
N CYS B 231 -6.48 13.48 -7.95
CA CYS B 231 -6.91 12.06 -7.86
C CYS B 231 -7.93 11.73 -8.92
N ASP B 232 -7.73 10.59 -9.63
CA ASP B 232 -8.65 10.07 -10.66
C ASP B 232 -8.98 11.07 -11.79
N ARG B 233 -8.01 11.94 -12.16
CA ARG B 233 -8.22 12.91 -13.23
C ARG B 233 -7.96 12.23 -14.54
N ASP B 234 -8.73 12.59 -15.59
CA ASP B 234 -8.53 12.04 -16.94
C ASP B 234 -7.16 12.42 -17.45
N GLY B 235 -6.48 11.48 -18.10
CA GLY B 235 -5.15 11.68 -18.65
C GLY B 235 -4.04 11.68 -17.62
N LYS B 236 -4.36 11.53 -16.31
CA LYS B 236 -3.36 11.46 -15.23
C LYS B 236 -3.36 10.01 -14.65
N TYR B 237 -2.25 9.63 -14.00
CA TYR B 237 -2.08 8.29 -13.44
C TYR B 237 -1.47 8.37 -12.06
N GLY B 238 -1.74 7.37 -11.24
CA GLY B 238 -1.16 7.28 -9.91
C GLY B 238 0.25 6.73 -10.04
N PHE B 239 1.17 7.24 -9.21
CA PHE B 239 2.56 6.78 -9.22
C PHE B 239 2.86 5.99 -7.97
N TYR B 240 3.63 4.92 -8.16
CA TYR B 240 3.95 3.94 -7.14
C TYR B 240 5.41 3.68 -7.03
N THR B 241 5.90 3.51 -5.79
CA THR B 241 7.29 3.14 -5.59
C THR B 241 7.48 1.72 -6.13
N HIS B 242 8.52 1.48 -6.95
CA HIS B 242 8.84 0.17 -7.53
C HIS B 242 9.58 -0.64 -6.46
N VAL B 243 8.86 -1.53 -5.76
CA VAL B 243 9.39 -2.31 -4.61
C VAL B 243 10.61 -3.16 -4.97
N PHE B 244 10.50 -3.95 -6.06
CA PHE B 244 11.64 -4.78 -6.47
C PHE B 244 12.93 -3.96 -6.71
N ARG B 245 12.81 -2.79 -7.34
CA ARG B 245 13.98 -1.91 -7.59
C ARG B 245 14.68 -1.52 -6.32
N LEU B 246 13.97 -1.52 -5.17
CA LEU B 246 14.56 -1.11 -3.91
C LEU B 246 14.71 -2.28 -2.92
N LYS B 247 14.56 -3.52 -3.38
CA LYS B 247 14.63 -4.70 -2.51
C LYS B 247 16.01 -4.92 -1.86
N LYS B 248 17.09 -4.54 -2.55
CA LYS B 248 18.44 -4.65 -1.97
C LYS B 248 18.54 -3.75 -0.73
N TRP B 249 17.91 -2.56 -0.76
CA TRP B 249 17.91 -1.68 0.43
C TRP B 249 17.06 -2.34 1.54
N ILE B 250 15.88 -2.89 1.17
CA ILE B 250 14.99 -3.57 2.12
C ILE B 250 15.75 -4.70 2.82
N GLN B 251 16.41 -5.55 2.03
CA GLN B 251 17.15 -6.71 2.51
C GLN B 251 18.30 -6.32 3.43
N LYS B 252 19.04 -5.25 3.09
CA LYS B 252 20.15 -4.71 3.90
C LYS B 252 19.65 -4.28 5.28
N VAL B 253 18.55 -3.48 5.33
CA VAL B 253 17.97 -3.01 6.59
C VAL B 253 17.48 -4.18 7.46
N ILE B 254 16.76 -5.17 6.85
CA ILE B 254 16.26 -6.31 7.62
C ILE B 254 17.42 -7.20 8.09
N ASP B 255 18.43 -7.46 7.21
CA ASP B 255 19.61 -8.25 7.60
C ASP B 255 20.36 -7.57 8.76
N GLN B 256 20.31 -6.23 8.79
CA GLN B 256 20.81 -5.28 9.81
C GLN B 256 22.26 -4.90 9.71
N PHE B 257 23.34 -7.47 12.68
N ASP C 3 -13.15 11.91 14.59
CA ASP C 3 -14.24 10.94 14.44
C ASP C 3 -13.79 9.48 14.64
N PHE C 4 -12.60 9.30 15.24
CA PHE C 4 -12.04 7.99 15.53
C PHE C 4 -12.40 7.53 16.93
N GLU C 5 -12.85 6.27 17.04
CA GLU C 5 -13.20 5.68 18.32
C GLU C 5 -11.95 5.54 19.15
N GLU C 6 -12.10 5.85 20.46
CA GLU C 6 -10.99 5.75 21.40
C GLU C 6 -10.45 4.33 21.42
N ILE C 7 -9.13 4.25 21.47
CA ILE C 7 -8.45 2.97 21.51
C ILE C 7 -8.06 2.70 22.99
N PRO C 8 -8.03 1.43 23.46
CA PRO C 8 -7.70 1.17 24.87
C PRO C 8 -6.40 1.80 25.36
N GLU C 9 -6.47 2.36 26.59
CA GLU C 9 -5.39 3.05 27.27
C GLU C 9 -4.03 2.40 27.16
N GLU C 10 -3.98 1.05 27.26
CA GLU C 10 -2.78 0.22 27.17
C GLU C 10 -1.89 0.51 25.95
N LEU C 12 -1.30 3.54 24.79
CA LEU C 12 -0.76 4.88 25.07
C LEU C 12 -1.47 5.97 24.27
#